data_4BH5
#
_entry.id   4BH5
#
_cell.length_a   57.404
_cell.length_b   57.404
_cell.length_c   129.320
_cell.angle_alpha   90.00
_cell.angle_beta   90.00
_cell.angle_gamma   120.00
#
_symmetry.space_group_name_H-M   'P 31'
#
loop_
_entity.id
_entity.type
_entity.pdbx_description
1 polymer 'MUREIN HYDROLASE ACTIVATOR ENVC'
2 non-polymer 'IODIDE ION'
3 non-polymer 'CHLORIDE ION'
4 non-polymer GLYCEROL
5 non-polymer 'POTASSIUM ION'
6 water water
#
_entity_poly.entity_id   1
_entity_poly.type   'polypeptide(L)'
_entity_poly.pdbx_seq_one_letter_code
;TESEKSLMSRTGGLGAPRGQAFWPVRGPTLHRYGEQLQGELRWKGMVIGASEGTEVKAIADGRVILADWLQGYGLVVVVE
HGKGDMSLYGYNQSALVSVGSQVRAGQPIALVGSSGGQGRPSLYFEIRRQGQAVNPQPWLGR
;
_entity_poly.pdbx_strand_id   A,B,C,D
#
loop_
_chem_comp.id
_chem_comp.type
_chem_comp.name
_chem_comp.formula
CL non-polymer 'CHLORIDE ION' 'Cl -1'
GOL non-polymer GLYCEROL 'C3 H8 O3'
IOD non-polymer 'IODIDE ION' 'I -1'
K non-polymer 'POTASSIUM ION' 'K 1'
#
# COMPACT_ATOMS: atom_id res chain seq x y z
N GLY A 13 26.72 1.68 -1.38
CA GLY A 13 27.14 0.29 -1.01
C GLY A 13 26.53 -0.24 0.26
N LEU A 14 26.72 -1.55 0.48
CA LEU A 14 26.25 -2.20 1.69
C LEU A 14 27.24 -2.07 2.83
N GLY A 15 28.46 -1.62 2.57
CA GLY A 15 29.44 -1.46 3.66
C GLY A 15 29.99 -2.78 4.21
N ALA A 16 30.73 -2.75 5.31
CA ALA A 16 31.20 -4.06 5.84
C ALA A 16 30.03 -4.97 6.26
N PRO A 17 30.22 -6.30 6.19
CA PRO A 17 29.15 -7.25 6.53
C PRO A 17 29.03 -7.28 8.03
N ARG A 18 28.17 -6.41 8.57
CA ARG A 18 28.04 -6.17 10.01
C ARG A 18 26.66 -6.33 10.58
N GLY A 19 25.73 -7.00 9.90
CA GLY A 19 24.40 -7.21 10.45
C GLY A 19 23.51 -5.97 10.48
N GLN A 20 23.79 -4.99 9.63
CA GLN A 20 23.06 -3.71 9.66
C GLN A 20 21.93 -3.60 8.64
N ALA A 21 21.90 -4.50 7.66
CA ALA A 21 20.85 -4.47 6.64
C ALA A 21 19.55 -5.14 7.13
N PHE A 22 18.45 -4.82 6.48
CA PHE A 22 17.20 -5.47 6.85
C PHE A 22 17.10 -6.87 6.27
N TRP A 23 16.67 -7.85 7.08
CA TRP A 23 16.23 -9.15 6.54
C TRP A 23 15.13 -8.89 5.52
N PRO A 24 15.20 -9.52 4.33
CA PRO A 24 14.19 -9.24 3.32
C PRO A 24 12.83 -9.85 3.66
N VAL A 25 12.84 -11.03 4.30
CA VAL A 25 11.64 -11.62 4.89
C VAL A 25 12.10 -12.46 6.11
N ARG A 26 11.17 -12.72 7.03
CA ARG A 26 11.52 -13.57 8.18
C ARG A 26 10.87 -14.93 8.04
N GLY A 27 11.69 -15.97 8.18
CA GLY A 27 11.20 -17.33 8.08
C GLY A 27 12.34 -18.31 8.26
N PRO A 28 12.03 -19.61 8.16
CA PRO A 28 13.08 -20.62 8.24
C PRO A 28 13.97 -20.56 6.99
N THR A 29 15.28 -20.66 7.19
CA THR A 29 16.21 -20.74 6.05
C THR A 29 16.12 -22.14 5.47
N LEU A 30 15.56 -22.26 4.26
CA LEU A 30 15.40 -23.56 3.59
C LEU A 30 16.66 -24.06 2.84
N HIS A 31 17.46 -23.13 2.33
CA HIS A 31 18.72 -23.43 1.64
C HIS A 31 19.69 -22.30 1.89
N ARG A 32 20.92 -22.66 2.22
CA ARG A 32 22.00 -21.74 2.47
C ARG A 32 22.92 -21.60 1.28
N TYR A 33 23.54 -20.43 1.16
CA TYR A 33 24.54 -20.18 0.13
C TYR A 33 25.60 -21.26 0.21
N GLY A 34 25.97 -21.81 -0.95
CA GLY A 34 27.03 -22.84 -0.98
C GLY A 34 26.62 -24.27 -0.70
N GLU A 35 25.41 -24.48 -0.17
CA GLU A 35 24.79 -25.78 0.07
CA GLU A 35 24.97 -25.84 0.06
C GLU A 35 24.50 -26.51 -1.23
N GLN A 36 24.39 -27.83 -1.16
CA GLN A 36 24.05 -28.64 -2.33
C GLN A 36 22.75 -28.22 -2.98
N LEU A 37 22.81 -27.92 -4.27
CA LEU A 37 21.61 -27.64 -5.08
C LEU A 37 21.11 -28.92 -5.74
N GLN A 38 21.98 -29.53 -6.54
CA GLN A 38 21.71 -30.76 -7.27
C GLN A 38 23.11 -31.36 -7.41
N GLY A 39 23.29 -32.60 -6.96
CA GLY A 39 24.62 -33.24 -6.99
C GLY A 39 25.63 -32.42 -6.22
N GLU A 40 26.74 -32.08 -6.89
CA GLU A 40 27.77 -31.23 -6.29
C GLU A 40 27.65 -29.79 -6.75
N LEU A 41 26.62 -29.48 -7.54
CA LEU A 41 26.34 -28.05 -7.82
C LEU A 41 25.81 -27.40 -6.55
N ARG A 42 26.11 -26.11 -6.38
CA ARG A 42 25.81 -25.42 -5.12
C ARG A 42 24.91 -24.20 -5.34
N TRP A 43 24.05 -23.96 -4.36
CA TRP A 43 23.25 -22.73 -4.32
C TRP A 43 24.14 -21.52 -4.25
N LYS A 44 23.75 -20.44 -4.94
CA LYS A 44 24.56 -19.22 -4.90
C LYS A 44 23.74 -18.11 -4.27
N GLY A 45 22.71 -18.53 -3.53
CA GLY A 45 21.89 -17.59 -2.77
C GLY A 45 21.23 -18.36 -1.65
N MET A 46 20.40 -17.68 -0.86
CA MET A 46 19.62 -18.34 0.20
C MET A 46 18.17 -18.52 -0.22
N VAL A 47 17.44 -19.40 0.48
CA VAL A 47 16.00 -19.54 0.25
C VAL A 47 15.38 -19.43 1.62
N ILE A 48 14.49 -18.47 1.77
CA ILE A 48 13.84 -18.23 3.07
C ILE A 48 12.35 -18.52 2.93
N GLY A 49 11.82 -19.46 3.71
CA GLY A 49 10.40 -19.77 3.63
C GLY A 49 9.51 -18.68 4.24
N ALA A 50 8.34 -18.43 3.65
CA ALA A 50 7.41 -17.43 4.19
C ALA A 50 6.08 -17.62 3.50
N SER A 51 5.00 -17.16 4.12
CA SER A 51 3.67 -17.34 3.55
C SER A 51 3.52 -16.59 2.26
N GLU A 52 2.71 -17.16 1.38
CA GLU A 52 2.38 -16.50 0.14
C GLU A 52 1.84 -15.12 0.47
N GLY A 53 2.34 -14.11 -0.25
CA GLY A 53 1.82 -12.78 -0.05
C GLY A 53 2.52 -11.92 0.97
N THR A 54 3.50 -12.47 1.67
CA THR A 54 4.29 -11.71 2.64
C THR A 54 5.12 -10.64 1.94
N GLU A 55 5.22 -9.47 2.53
CA GLU A 55 6.04 -8.43 1.92
C GLU A 55 7.51 -8.75 1.94
N VAL A 56 8.20 -8.46 0.83
CA VAL A 56 9.64 -8.63 0.72
C VAL A 56 10.23 -7.22 0.83
N LYS A 57 11.18 -7.05 1.74
CA LYS A 57 11.79 -5.72 2.00
C LYS A 57 13.12 -5.53 1.27
N ALA A 58 13.32 -4.33 0.73
CA ALA A 58 14.63 -3.93 0.22
C ALA A 58 15.58 -3.94 1.42
N ILE A 59 16.75 -4.55 1.29
CA ILE A 59 17.61 -4.65 2.49
C ILE A 59 18.31 -3.36 2.86
N ALA A 60 18.47 -2.48 1.87
CA ALA A 60 19.16 -1.23 2.00
C ALA A 60 18.70 -0.29 0.88
N ASP A 61 19.04 1.00 0.98
CA ASP A 61 18.68 1.97 -0.05
C ASP A 61 19.29 1.55 -1.36
N GLY A 62 18.63 1.89 -2.47
CA GLY A 62 19.16 1.51 -3.76
C GLY A 62 18.26 1.88 -4.92
N ARG A 63 18.63 1.39 -6.10
CA ARG A 63 17.88 1.68 -7.33
CA ARG A 63 17.82 1.68 -7.30
C ARG A 63 17.39 0.36 -7.91
N VAL A 64 16.10 0.28 -8.24
CA VAL A 64 15.62 -0.94 -8.87
C VAL A 64 16.13 -1.03 -10.32
N ILE A 65 16.78 -2.12 -10.66
CA ILE A 65 17.36 -2.26 -12.02
C ILE A 65 16.74 -3.38 -12.84
N LEU A 66 16.09 -4.35 -12.19
CA LEU A 66 15.40 -5.40 -12.92
C LEU A 66 14.10 -5.72 -12.19
N ALA A 67 13.04 -6.03 -12.93
CA ALA A 67 11.79 -6.53 -12.34
C ALA A 67 11.10 -7.37 -13.41
N ASP A 68 11.55 -8.61 -13.56
CA ASP A 68 11.14 -9.46 -14.65
C ASP A 68 11.44 -10.91 -14.36
N TRP A 69 10.74 -11.77 -15.08
CA TRP A 69 11.04 -13.19 -15.05
C TRP A 69 12.51 -13.45 -15.43
N LEU A 70 13.12 -14.36 -14.71
CA LEU A 70 14.43 -14.87 -15.07
C LEU A 70 14.39 -16.39 -14.83
N GLN A 71 14.52 -17.15 -15.90
CA GLN A 71 14.34 -18.60 -15.81
C GLN A 71 15.20 -19.20 -14.72
N GLY A 72 14.53 -19.97 -13.84
CA GLY A 72 15.15 -20.63 -12.71
C GLY A 72 14.91 -19.91 -11.41
N TYR A 73 14.49 -18.64 -11.52
CA TYR A 73 14.32 -17.78 -10.34
C TYR A 73 12.96 -17.08 -10.29
N GLY A 74 12.03 -17.54 -11.10
CA GLY A 74 10.70 -16.92 -11.20
C GLY A 74 10.82 -15.42 -11.41
N LEU A 75 9.86 -14.69 -10.86
CA LEU A 75 9.89 -13.23 -10.99
C LEU A 75 10.95 -12.66 -10.06
N VAL A 76 11.93 -11.95 -10.63
CA VAL A 76 13.03 -11.39 -9.84
C VAL A 76 12.97 -9.87 -9.82
N VAL A 77 13.27 -9.29 -8.66
CA VAL A 77 13.53 -7.87 -8.56
C VAL A 77 14.97 -7.70 -8.15
N VAL A 78 15.68 -6.78 -8.80
CA VAL A 78 17.11 -6.53 -8.45
C VAL A 78 17.30 -5.07 -8.04
N VAL A 79 17.98 -4.85 -6.91
CA VAL A 79 18.24 -3.50 -6.39
C VAL A 79 19.76 -3.26 -6.34
N GLU A 80 20.25 -2.23 -7.02
CA GLU A 80 21.67 -1.87 -6.89
CA GLU A 80 21.68 -1.87 -6.88
C GLU A 80 21.87 -0.88 -5.73
N HIS A 81 22.93 -1.08 -4.95
CA HIS A 81 23.12 -0.24 -3.78
C HIS A 81 24.29 0.72 -3.96
N GLY A 82 25.00 0.60 -5.07
CA GLY A 82 26.11 1.52 -5.36
C GLY A 82 27.43 0.90 -4.95
N LYS A 83 28.49 1.41 -5.55
CA LYS A 83 29.84 0.94 -5.21
C LYS A 83 29.98 -0.56 -5.41
N GLY A 84 29.26 -1.11 -6.38
CA GLY A 84 29.44 -2.52 -6.71
C GLY A 84 28.64 -3.53 -5.87
N ASP A 85 27.68 -3.07 -5.06
CA ASP A 85 26.87 -4.04 -4.28
C ASP A 85 25.44 -4.11 -4.83
N MET A 86 24.88 -5.31 -4.93
CA MET A 86 23.51 -5.51 -5.42
C MET A 86 22.78 -6.60 -4.61
N SER A 87 21.46 -6.54 -4.63
CA SER A 87 20.68 -7.61 -3.96
C SER A 87 19.59 -8.06 -4.92
N LEU A 88 19.27 -9.36 -4.89
CA LEU A 88 18.33 -9.98 -5.83
C LEU A 88 17.30 -10.76 -5.06
N TYR A 89 16.04 -10.61 -5.48
CA TYR A 89 14.85 -11.16 -4.78
C TYR A 89 13.99 -11.94 -5.78
N GLY A 90 13.96 -13.28 -5.69
CA GLY A 90 13.23 -14.10 -6.66
C GLY A 90 12.10 -14.95 -6.07
N TYR A 91 11.44 -15.67 -6.97
CA TYR A 91 10.28 -16.56 -6.72
C TYR A 91 9.02 -15.76 -6.38
N ASN A 92 9.02 -14.46 -6.61
CA ASN A 92 7.92 -13.61 -6.13
C ASN A 92 6.61 -13.83 -6.94
N GLN A 93 5.48 -13.59 -6.29
CA GLN A 93 4.22 -13.65 -7.01
C GLN A 93 3.90 -12.34 -7.73
N SER A 94 4.57 -11.25 -7.31
CA SER A 94 4.37 -9.92 -7.92
C SER A 94 5.46 -8.97 -7.43
N ALA A 95 5.69 -7.88 -8.18
CA ALA A 95 6.61 -6.82 -7.80
C ALA A 95 5.81 -5.59 -7.40
N LEU A 96 6.30 -4.86 -6.40
CA LEU A 96 5.67 -3.62 -5.92
C LEU A 96 6.41 -2.35 -6.32
N VAL A 97 7.39 -2.54 -7.20
CA VAL A 97 8.26 -1.44 -7.67
C VAL A 97 8.55 -1.66 -9.14
N SER A 98 8.94 -0.60 -9.83
CA SER A 98 9.28 -0.64 -11.25
C SER A 98 10.76 -0.33 -11.43
N VAL A 99 11.31 -0.81 -12.55
CA VAL A 99 12.71 -0.52 -12.88
C VAL A 99 12.89 0.98 -12.97
N GLY A 100 14.05 1.44 -12.45
CA GLY A 100 14.37 2.87 -12.46
C GLY A 100 14.06 3.58 -11.17
N SER A 101 13.22 3.00 -10.32
CA SER A 101 12.86 3.68 -9.08
C SER A 101 13.87 3.60 -7.95
N GLN A 102 13.94 4.66 -7.15
CA GLN A 102 14.75 4.63 -5.94
C GLN A 102 13.94 4.03 -4.79
N VAL A 103 14.56 3.15 -4.02
CA VAL A 103 13.86 2.54 -2.88
C VAL A 103 14.64 2.77 -1.59
N ARG A 104 13.94 2.67 -0.47
CA ARG A 104 14.56 2.88 0.83
C ARG A 104 14.74 1.56 1.55
N ALA A 105 15.75 1.50 2.40
CA ALA A 105 15.94 0.36 3.30
C ALA A 105 14.65 0.02 4.03
N GLY A 106 14.23 -1.25 3.94
CA GLY A 106 12.99 -1.69 4.62
C GLY A 106 11.74 -1.54 3.80
N GLN A 107 11.82 -0.90 2.63
CA GLN A 107 10.60 -0.64 1.88
C GLN A 107 10.13 -1.90 1.12
N PRO A 108 8.81 -2.17 1.12
CA PRO A 108 8.28 -3.31 0.35
C PRO A 108 8.55 -3.19 -1.13
N ILE A 109 9.15 -4.23 -1.69
CA ILE A 109 9.48 -4.27 -3.14
C ILE A 109 8.83 -5.42 -3.92
N ALA A 110 8.36 -6.46 -3.22
CA ALA A 110 7.72 -7.59 -3.88
C ALA A 110 6.85 -8.34 -2.87
N LEU A 111 6.11 -9.33 -3.34
CA LEU A 111 5.31 -10.20 -2.46
C LEU A 111 5.74 -11.64 -2.70
N VAL A 112 5.94 -12.38 -1.60
CA VAL A 112 6.43 -13.77 -1.67
C VAL A 112 5.47 -14.66 -2.49
N GLY A 113 6.02 -15.48 -3.38
CA GLY A 113 5.22 -16.44 -4.12
C GLY A 113 5.94 -17.75 -4.33
N SER A 114 5.50 -18.45 -5.37
CA SER A 114 6.03 -19.73 -5.80
C SER A 114 6.38 -19.66 -7.28
N SER A 115 6.75 -18.48 -7.79
CA SER A 115 6.97 -18.38 -9.24
C SER A 115 8.18 -19.15 -9.74
N GLY A 116 9.03 -19.59 -8.83
CA GLY A 116 10.14 -20.44 -9.27
C GLY A 116 9.69 -21.89 -9.47
N GLY A 117 8.42 -22.15 -9.14
CA GLY A 117 7.83 -23.47 -9.28
C GLY A 117 8.20 -24.31 -8.08
N GLN A 118 8.42 -23.66 -6.94
CA GLN A 118 8.86 -24.42 -5.78
CA GLN A 118 8.84 -24.31 -5.70
C GLN A 118 7.68 -25.05 -5.02
N GLY A 119 8.01 -26.06 -4.20
CA GLY A 119 6.99 -26.82 -3.46
C GLY A 119 6.21 -26.05 -2.39
N ARG A 120 6.75 -24.92 -1.94
CA ARG A 120 6.12 -24.10 -0.92
C ARG A 120 6.58 -22.66 -1.22
N PRO A 121 5.82 -21.67 -0.73
CA PRO A 121 6.17 -20.28 -0.96
C PRO A 121 7.48 -19.89 -0.24
N SER A 122 8.34 -19.10 -0.89
CA SER A 122 9.62 -18.73 -0.28
C SER A 122 10.23 -17.65 -1.12
N LEU A 123 11.22 -16.96 -0.56
CA LEU A 123 12.02 -15.95 -1.22
C LEU A 123 13.38 -16.55 -1.59
N TYR A 124 13.77 -16.40 -2.85
CA TYR A 124 15.14 -16.64 -3.31
C TYR A 124 15.94 -15.36 -3.11
N PHE A 125 17.14 -15.42 -2.52
CA PHE A 125 17.81 -14.17 -2.14
C PHE A 125 19.32 -14.21 -2.38
N GLU A 126 19.80 -13.30 -3.19
CA GLU A 126 21.24 -13.15 -3.39
C GLU A 126 21.76 -11.78 -3.01
N ILE A 127 23.02 -11.72 -2.55
CA ILE A 127 23.75 -10.47 -2.52
C ILE A 127 24.96 -10.67 -3.41
N ARG A 128 25.16 -9.75 -4.35
CA ARG A 128 26.35 -9.77 -5.21
C ARG A 128 27.27 -8.58 -4.90
N ARG A 129 28.54 -8.86 -4.59
CA ARG A 129 29.53 -7.82 -4.34
C ARG A 129 30.52 -7.89 -5.46
N GLN A 130 30.81 -6.74 -6.05
CA GLN A 130 31.69 -6.70 -7.22
C GLN A 130 31.22 -7.67 -8.32
N GLY A 131 29.90 -7.82 -8.46
CA GLY A 131 29.34 -8.61 -9.54
C GLY A 131 29.26 -10.11 -9.31
N GLN A 132 29.59 -10.57 -8.11
CA GLN A 132 29.58 -12.01 -7.80
C GLN A 132 28.73 -12.30 -6.57
N ALA A 133 27.88 -13.30 -6.69
CA ALA A 133 26.99 -13.71 -5.58
C ALA A 133 27.88 -14.29 -4.47
N VAL A 134 27.64 -13.84 -3.24
CA VAL A 134 28.41 -14.29 -2.09
C VAL A 134 27.41 -14.60 -0.98
N ASN A 135 27.85 -15.20 0.14
CA ASN A 135 26.89 -15.50 1.21
C ASN A 135 26.23 -14.22 1.73
N PRO A 136 24.90 -14.08 1.54
CA PRO A 136 24.23 -12.84 2.02
C PRO A 136 24.10 -12.67 3.53
N GLN A 137 24.18 -13.76 4.28
CA GLN A 137 23.73 -13.70 5.67
C GLN A 137 24.43 -12.68 6.58
N PRO A 138 25.75 -12.56 6.47
CA PRO A 138 26.50 -11.63 7.35
C PRO A 138 26.03 -10.18 7.32
N TRP A 139 25.40 -9.70 6.23
CA TRP A 139 24.87 -8.33 6.22
C TRP A 139 23.56 -8.17 6.97
N LEU A 140 22.85 -9.27 7.18
CA LEU A 140 21.47 -9.24 7.70
C LEU A 140 21.37 -9.15 9.22
N GLY A 141 20.53 -8.25 9.69
CA GLY A 141 20.36 -8.11 11.14
C GLY A 141 19.12 -7.38 11.61
N ARG A 142 18.63 -6.46 10.79
CA ARG A 142 17.54 -5.58 11.23
C ARG A 142 16.19 -6.17 10.79
N GLY B 13 -6.55 -17.52 -14.31
CA GLY B 13 -5.51 -16.60 -13.75
C GLY B 13 -4.49 -16.21 -14.78
N LEU B 14 -3.65 -15.22 -14.42
CA LEU B 14 -2.58 -14.77 -15.28
C LEU B 14 -1.34 -15.62 -15.20
N GLY B 15 -1.29 -16.51 -14.20
CA GLY B 15 -0.14 -17.42 -14.00
C GLY B 15 1.11 -16.65 -13.56
N ALA B 16 2.27 -17.29 -13.67
CA ALA B 16 3.52 -16.62 -13.29
C ALA B 16 3.77 -15.40 -14.17
N PRO B 17 4.44 -14.37 -13.61
CA PRO B 17 4.69 -13.15 -14.36
C PRO B 17 5.84 -13.41 -15.29
N ARG B 18 5.52 -13.88 -16.50
CA ARG B 18 6.57 -14.28 -17.43
C ARG B 18 6.52 -13.77 -18.87
N GLY B 19 5.93 -12.60 -19.05
CA GLY B 19 5.93 -11.96 -20.35
C GLY B 19 5.04 -12.61 -21.41
N GLN B 20 4.02 -13.36 -20.99
CA GLN B 20 3.17 -14.08 -21.93
C GLN B 20 1.85 -13.38 -22.27
N ALA B 21 1.49 -12.34 -21.51
CA ALA B 21 0.23 -11.64 -21.75
C ALA B 21 0.41 -10.62 -22.85
N PHE B 22 -0.66 -10.21 -23.51
CA PHE B 22 -0.54 -9.16 -24.52
C PHE B 22 -0.38 -7.75 -23.90
N TRP B 23 0.51 -6.94 -24.47
CA TRP B 23 0.52 -5.51 -24.16
C TRP B 23 -0.88 -4.93 -24.51
N PRO B 24 -1.48 -4.13 -23.60
CA PRO B 24 -2.83 -3.66 -23.92
C PRO B 24 -2.78 -2.60 -25.01
N VAL B 25 -1.70 -1.81 -25.04
CA VAL B 25 -1.45 -0.92 -26.16
C VAL B 25 0.08 -0.73 -26.24
N ARG B 26 0.58 -0.28 -27.41
CA ARG B 26 2.01 -0.03 -27.60
C ARG B 26 2.30 1.46 -27.70
N GLY B 27 3.23 1.93 -26.87
CA GLY B 27 3.61 3.32 -26.91
C GLY B 27 4.61 3.60 -25.81
N PRO B 28 4.94 4.88 -25.59
CA PRO B 28 5.91 5.18 -24.55
C PRO B 28 5.28 5.05 -23.15
N THR B 29 6.03 4.50 -22.22
CA THR B 29 5.50 4.41 -20.84
C THR B 29 5.65 5.79 -20.20
N LEU B 30 4.55 6.48 -19.96
CA LEU B 30 4.57 7.84 -19.41
C LEU B 30 4.71 7.87 -17.88
N HIS B 31 4.11 6.87 -17.23
CA HIS B 31 4.24 6.72 -15.79
C HIS B 31 4.33 5.22 -15.45
N ARG B 32 5.18 4.89 -14.48
CA ARG B 32 5.38 3.53 -14.01
C ARG B 32 4.77 3.31 -12.63
N TYR B 33 4.36 2.07 -12.41
CA TYR B 33 3.84 1.68 -11.10
C TYR B 33 4.82 2.04 -10.01
N GLY B 34 4.30 2.70 -8.96
CA GLY B 34 5.13 3.06 -7.79
C GLY B 34 5.88 4.38 -7.92
N GLU B 35 5.91 4.95 -9.14
CA GLU B 35 6.51 6.28 -9.31
C GLU B 35 5.66 7.38 -8.70
N GLN B 36 6.30 8.53 -8.49
CA GLN B 36 5.61 9.71 -7.94
C GLN B 36 4.36 10.10 -8.71
N LEU B 37 3.25 10.19 -7.98
CA LEU B 37 2.00 10.70 -8.56
C LEU B 37 1.89 12.20 -8.26
N GLN B 38 1.89 12.52 -6.97
CA GLN B 38 1.76 13.88 -6.47
C GLN B 38 2.48 13.83 -5.14
N GLY B 39 3.52 14.64 -4.94
CA GLY B 39 4.28 14.58 -3.69
C GLY B 39 4.93 13.22 -3.53
N GLU B 40 4.65 12.59 -2.39
CA GLU B 40 5.15 11.26 -2.04
C GLU B 40 4.08 10.19 -2.27
N LEU B 41 2.89 10.60 -2.75
CA LEU B 41 1.92 9.58 -3.23
C LEU B 41 2.42 8.93 -4.51
N ARG B 42 2.05 7.66 -4.72
CA ARG B 42 2.61 6.87 -5.83
C ARG B 42 1.54 6.33 -6.77
N TRP B 43 1.84 6.33 -8.06
CA TRP B 43 1.01 5.59 -9.02
C TRP B 43 0.86 4.12 -8.64
N LYS B 44 -0.34 3.56 -8.91
CA LYS B 44 -0.61 2.16 -8.60
C LYS B 44 -0.96 1.45 -9.90
N GLY B 45 -0.62 2.09 -11.02
CA GLY B 45 -0.81 1.52 -12.35
C GLY B 45 0.27 2.13 -13.24
N MET B 46 0.26 1.75 -14.51
CA MET B 46 1.11 2.35 -15.56
C MET B 46 0.26 3.28 -16.42
N VAL B 47 0.90 4.25 -17.10
CA VAL B 47 0.24 5.08 -18.10
C VAL B 47 1.04 4.90 -19.37
N ILE B 48 0.37 4.48 -20.44
CA ILE B 48 1.07 4.21 -21.70
C ILE B 48 0.51 5.18 -22.74
N GLY B 49 1.36 5.98 -23.36
CA GLY B 49 0.81 6.93 -24.33
C GLY B 49 0.48 6.23 -25.64
N ALA B 50 -0.56 6.70 -26.32
CA ALA B 50 -0.97 6.15 -27.61
C ALA B 50 -1.92 7.13 -28.28
N SER B 51 -2.04 7.09 -29.60
CA SER B 51 -2.91 8.01 -30.30
CA SER B 51 -2.91 8.07 -30.23
C SER B 51 -4.38 7.78 -29.94
N GLU B 52 -5.15 8.86 -29.91
CA GLU B 52 -6.57 8.79 -29.67
C GLU B 52 -7.20 7.79 -30.65
N GLY B 53 -8.07 6.92 -30.12
CA GLY B 53 -8.76 5.93 -30.91
C GLY B 53 -8.05 4.61 -31.18
N THR B 54 -6.83 4.49 -30.66
CA THR B 54 -6.09 3.25 -30.79
C THR B 54 -6.81 2.16 -30.00
N GLU B 55 -6.87 0.96 -30.57
CA GLU B 55 -7.55 -0.14 -29.86
C GLU B 55 -6.78 -0.56 -28.63
N VAL B 56 -7.52 -0.85 -27.56
CA VAL B 56 -6.96 -1.38 -26.32
C VAL B 56 -7.26 -2.88 -26.28
N LYS B 57 -6.24 -3.71 -26.15
CA LYS B 57 -6.46 -5.16 -26.13
C LYS B 57 -6.57 -5.75 -24.71
N ALA B 58 -7.53 -6.67 -24.53
CA ALA B 58 -7.53 -7.50 -23.31
C ALA B 58 -6.17 -8.21 -23.21
N ILE B 59 -5.52 -8.19 -22.05
CA ILE B 59 -4.21 -8.87 -21.99
C ILE B 59 -4.28 -10.40 -21.98
N ALA B 60 -5.46 -10.94 -21.66
CA ALA B 60 -5.61 -12.36 -21.45
C ALA B 60 -7.12 -12.62 -21.45
N ASP B 61 -7.50 -13.89 -21.64
CA ASP B 61 -8.91 -14.27 -21.61
C ASP B 61 -9.47 -13.84 -20.26
N GLY B 62 -10.75 -13.48 -20.25
CA GLY B 62 -11.44 -13.15 -19.03
C GLY B 62 -12.89 -12.74 -19.22
N ARG B 63 -13.46 -12.21 -18.15
CA ARG B 63 -14.86 -11.77 -18.14
C ARG B 63 -14.91 -10.28 -17.81
N VAL B 64 -15.65 -9.52 -18.58
CA VAL B 64 -15.78 -8.08 -18.33
C VAL B 64 -16.67 -7.84 -17.11
N ILE B 65 -16.17 -7.11 -16.13
CA ILE B 65 -16.94 -6.93 -14.88
C ILE B 65 -17.32 -5.49 -14.59
N LEU B 66 -16.67 -4.55 -15.27
CA LEU B 66 -17.02 -3.15 -15.14
C LEU B 66 -16.75 -2.46 -16.48
N ALA B 67 -17.64 -1.55 -16.88
CA ALA B 67 -17.47 -0.67 -18.02
C ALA B 67 -18.21 0.62 -17.68
N ASP B 68 -17.54 1.53 -16.97
CA ASP B 68 -18.20 2.72 -16.46
C ASP B 68 -17.15 3.73 -16.03
N TRP B 69 -17.59 4.98 -15.93
CA TRP B 69 -16.78 6.02 -15.34
C TRP B 69 -16.38 5.65 -13.92
N LEU B 70 -15.12 5.91 -13.59
CA LEU B 70 -14.68 5.83 -12.20
C LEU B 70 -13.83 7.07 -11.97
N GLN B 71 -14.26 7.92 -11.07
CA GLN B 71 -13.61 9.22 -10.86
C GLN B 71 -12.10 9.09 -10.60
N GLY B 72 -11.31 9.81 -11.39
CA GLY B 72 -9.83 9.82 -11.32
C GLY B 72 -9.23 9.00 -12.45
N TYR B 73 -10.08 8.17 -13.06
CA TYR B 73 -9.62 7.21 -14.08
C TYR B 73 -10.45 7.19 -15.38
N GLY B 74 -11.26 8.21 -15.58
CA GLY B 74 -12.12 8.31 -16.76
C GLY B 74 -12.96 7.06 -16.94
N LEU B 75 -13.24 6.74 -18.21
CA LEU B 75 -14.01 5.52 -18.47
C LEU B 75 -13.11 4.30 -18.27
N VAL B 76 -13.50 3.40 -17.36
CA VAL B 76 -12.73 2.20 -17.07
C VAL B 76 -13.45 0.93 -17.53
N VAL B 77 -12.70 -0.01 -18.09
CA VAL B 77 -13.15 -1.38 -18.34
C VAL B 77 -12.30 -2.30 -17.46
N VAL B 78 -12.95 -3.25 -16.78
CA VAL B 78 -12.24 -4.19 -15.89
C VAL B 78 -12.50 -5.61 -16.37
N VAL B 79 -11.43 -6.40 -16.52
CA VAL B 79 -11.55 -7.80 -16.90
C VAL B 79 -11.04 -8.70 -15.78
N GLU B 80 -11.85 -9.65 -15.32
CA GLU B 80 -11.38 -10.66 -14.36
CA GLU B 80 -11.35 -10.64 -14.36
C GLU B 80 -10.83 -11.87 -15.11
N HIS B 81 -9.67 -12.37 -14.69
CA HIS B 81 -9.04 -13.49 -15.38
C HIS B 81 -9.15 -14.81 -14.62
N GLY B 82 -9.75 -14.77 -13.44
CA GLY B 82 -9.97 -15.99 -12.65
C GLY B 82 -8.86 -16.15 -11.63
N LYS B 83 -9.15 -16.93 -10.60
CA LYS B 83 -8.18 -17.26 -9.57
C LYS B 83 -7.51 -16.03 -8.97
N GLY B 84 -8.28 -14.95 -8.82
CA GLY B 84 -7.76 -13.78 -8.12
C GLY B 84 -7.03 -12.73 -8.92
N ASP B 85 -6.99 -12.85 -10.25
CA ASP B 85 -6.26 -11.86 -11.06
C ASP B 85 -7.22 -11.03 -11.91
N MET B 86 -6.92 -9.74 -12.05
CA MET B 86 -7.80 -8.82 -12.78
C MET B 86 -6.95 -7.76 -13.47
N SER B 87 -7.45 -7.20 -14.57
CA SER B 87 -6.76 -6.07 -15.21
C SER B 87 -7.74 -4.93 -15.46
N LEU B 88 -7.26 -3.70 -15.36
CA LEU B 88 -8.10 -2.51 -15.43
C LEU B 88 -7.53 -1.58 -16.45
N TYR B 89 -8.41 -1.02 -17.28
CA TYR B 89 -8.00 -0.21 -18.44
C TYR B 89 -8.78 1.13 -18.35
N GLY B 90 -8.12 2.26 -18.18
CA GLY B 90 -8.79 3.56 -17.99
C GLY B 90 -8.41 4.64 -18.99
N TYR B 91 -9.04 5.79 -18.80
CA TYR B 91 -8.91 7.01 -19.57
C TYR B 91 -9.52 6.87 -20.98
N ASN B 92 -10.30 5.81 -21.19
CA ASN B 92 -10.78 5.51 -22.53
C ASN B 92 -11.82 6.48 -23.08
N GLN B 93 -11.82 6.63 -24.40
CA GLN B 93 -12.87 7.43 -25.04
C GLN B 93 -14.17 6.66 -25.22
N SER B 94 -14.08 5.34 -25.23
CA SER B 94 -15.26 4.46 -25.38
C SER B 94 -14.88 3.02 -25.04
N ALA B 95 -15.90 2.21 -24.76
CA ALA B 95 -15.74 0.78 -24.50
C ALA B 95 -16.30 0.00 -25.70
N LEU B 96 -15.68 -1.13 -26.01
CA LEU B 96 -16.05 -1.99 -27.12
C LEU B 96 -16.69 -3.29 -26.63
N VAL B 97 -16.90 -3.34 -25.32
CA VAL B 97 -17.48 -4.52 -24.67
C VAL B 97 -18.42 -4.13 -23.57
N SER B 98 -19.27 -5.07 -23.19
CA SER B 98 -20.27 -4.83 -22.13
C SER B 98 -19.99 -5.68 -20.88
N VAL B 99 -20.42 -5.19 -19.73
CA VAL B 99 -20.35 -6.01 -18.50
C VAL B 99 -20.99 -7.37 -18.69
N GLY B 100 -20.27 -8.42 -18.24
CA GLY B 100 -20.81 -9.78 -18.36
C GLY B 100 -20.28 -10.57 -19.53
N SER B 101 -19.67 -9.93 -20.52
CA SER B 101 -19.17 -10.70 -21.66
C SER B 101 -17.86 -11.39 -21.43
N GLN B 102 -17.66 -12.50 -22.14
CA GLN B 102 -16.39 -13.18 -22.14
C GLN B 102 -15.52 -12.60 -23.25
N VAL B 103 -14.26 -12.33 -22.94
CA VAL B 103 -13.29 -11.81 -23.93
C VAL B 103 -12.07 -12.72 -24.03
N ARG B 104 -11.42 -12.66 -25.19
CA ARG B 104 -10.25 -13.48 -25.49
C ARG B 104 -9.02 -12.62 -25.42
N ALA B 105 -7.90 -13.24 -25.05
CA ALA B 105 -6.59 -12.58 -25.05
C ALA B 105 -6.36 -11.89 -26.38
N GLY B 106 -5.99 -10.59 -26.34
CA GLY B 106 -5.79 -9.79 -27.55
C GLY B 106 -7.01 -9.14 -28.18
N GLN B 107 -8.19 -9.46 -27.69
CA GLN B 107 -9.43 -8.87 -28.27
C GLN B 107 -9.54 -7.39 -27.93
N PRO B 108 -9.94 -6.53 -28.90
CA PRO B 108 -10.20 -5.12 -28.59
C PRO B 108 -11.32 -4.96 -27.54
N ILE B 109 -11.07 -4.16 -26.50
CA ILE B 109 -12.09 -3.94 -25.46
C ILE B 109 -12.42 -2.48 -25.23
N ALA B 110 -11.58 -1.58 -25.75
CA ALA B 110 -11.80 -0.14 -25.58
C ALA B 110 -11.00 0.59 -26.65
N LEU B 111 -11.19 1.91 -26.70
CA LEU B 111 -10.41 2.80 -27.59
C LEU B 111 -9.76 3.90 -26.74
N VAL B 112 -8.47 4.16 -26.99
CA VAL B 112 -7.71 5.14 -26.19
C VAL B 112 -8.30 6.54 -26.27
N GLY B 113 -8.38 7.21 -25.12
CA GLY B 113 -8.88 8.57 -25.06
C GLY B 113 -8.14 9.43 -24.03
N SER B 114 -8.82 10.49 -23.61
CA SER B 114 -8.34 11.46 -22.63
C SER B 114 -9.40 11.64 -21.55
N SER B 115 -10.20 10.61 -21.30
CA SER B 115 -11.32 10.77 -20.34
C SER B 115 -10.90 11.00 -18.90
N GLY B 116 -9.65 10.67 -18.59
CA GLY B 116 -9.11 10.99 -17.27
C GLY B 116 -8.72 12.45 -17.15
N GLY B 117 -8.91 13.21 -18.24
CA GLY B 117 -8.68 14.65 -18.25
C GLY B 117 -7.22 14.94 -18.44
N GLN B 118 -6.49 14.02 -19.06
CA GLN B 118 -5.07 14.18 -19.17
C GLN B 118 -4.63 15.02 -20.37
N GLY B 119 -3.40 15.51 -20.32
CA GLY B 119 -2.83 16.38 -21.36
C GLY B 119 -2.65 15.77 -22.74
N ARG B 120 -2.39 14.47 -22.80
CA ARG B 120 -2.34 13.77 -24.07
C ARG B 120 -3.12 12.44 -23.93
N PRO B 121 -3.53 11.86 -25.07
CA PRO B 121 -4.23 10.57 -25.02
C PRO B 121 -3.33 9.46 -24.48
N SER B 122 -3.88 8.56 -23.66
CA SER B 122 -3.05 7.51 -23.10
C SER B 122 -3.97 6.50 -22.45
N LEU B 123 -3.40 5.32 -22.17
CA LEU B 123 -4.09 4.28 -21.44
C LEU B 123 -3.62 4.25 -19.98
N TYR B 124 -4.56 4.23 -19.03
CA TYR B 124 -4.23 3.95 -17.62
C TYR B 124 -4.39 2.44 -17.44
N PHE B 125 -3.45 1.77 -16.76
CA PHE B 125 -3.45 0.31 -16.77
C PHE B 125 -3.02 -0.29 -15.44
N GLU B 126 -3.89 -1.11 -14.88
CA GLU B 126 -3.55 -1.83 -13.64
C GLU B 126 -3.68 -3.32 -13.82
N ILE B 127 -2.86 -4.07 -13.08
CA ILE B 127 -3.12 -5.48 -12.86
C ILE B 127 -3.22 -5.67 -11.35
N ARG B 128 -4.31 -6.27 -10.92
CA ARG B 128 -4.48 -6.60 -9.51
C ARG B 128 -4.43 -8.10 -9.28
N ARG B 129 -3.53 -8.53 -8.39
CA ARG B 129 -3.42 -9.91 -7.98
C ARG B 129 -3.88 -10.01 -6.52
N GLN B 130 -4.82 -10.92 -6.27
CA GLN B 130 -5.46 -11.07 -4.94
C GLN B 130 -6.06 -9.75 -4.45
N GLY B 131 -6.65 -8.97 -5.36
CA GLY B 131 -7.33 -7.78 -4.92
C GLY B 131 -6.47 -6.53 -4.79
N GLN B 132 -5.19 -6.61 -5.13
CA GLN B 132 -4.28 -5.47 -4.92
C GLN B 132 -3.47 -5.16 -6.19
N ALA B 133 -3.45 -3.88 -6.58
CA ALA B 133 -2.70 -3.43 -7.76
C ALA B 133 -1.21 -3.62 -7.51
N VAL B 134 -0.53 -4.25 -8.45
CA VAL B 134 0.90 -4.55 -8.39
C VAL B 134 1.51 -4.10 -9.73
N ASN B 135 2.84 -4.11 -9.82
CA ASN B 135 3.46 -3.63 -11.06
C ASN B 135 2.99 -4.54 -12.19
N PRO B 136 2.28 -4.00 -13.23
CA PRO B 136 1.84 -4.95 -14.28
C PRO B 136 2.88 -5.41 -15.30
N GLN B 137 3.98 -4.70 -15.41
CA GLN B 137 4.85 -4.93 -16.57
C GLN B 137 5.42 -6.36 -16.72
N PRO B 138 5.75 -7.02 -15.61
CA PRO B 138 6.34 -8.36 -15.74
C PRO B 138 5.47 -9.38 -16.46
N TRP B 139 4.15 -9.20 -16.51
CA TRP B 139 3.30 -10.15 -17.26
C TRP B 139 3.33 -9.88 -18.77
N LEU B 140 3.70 -8.66 -19.16
CA LEU B 140 3.51 -8.20 -20.55
C LEU B 140 4.61 -8.59 -21.55
N GLY B 141 4.21 -9.15 -22.69
CA GLY B 141 5.21 -9.60 -23.66
C GLY B 141 4.79 -9.75 -25.11
N ARG B 142 3.53 -10.09 -25.37
CA ARG B 142 3.10 -10.33 -26.75
C ARG B 142 2.53 -9.07 -27.36
N GLY C 13 -14.44 10.08 -3.91
CA GLY C 13 -13.44 9.72 -2.88
C GLY C 13 -14.16 9.65 -1.57
N LEU C 14 -13.46 9.22 -0.54
CA LEU C 14 -14.03 9.17 0.79
C LEU C 14 -13.91 10.51 1.46
N GLY C 15 -13.11 11.40 0.88
CA GLY C 15 -12.93 12.72 1.48
C GLY C 15 -12.05 12.66 2.72
N ALA C 16 -12.07 13.73 3.53
CA ALA C 16 -11.24 13.75 4.72
C ALA C 16 -11.84 12.85 5.79
N PRO C 17 -10.99 12.20 6.62
CA PRO C 17 -11.47 11.29 7.65
C PRO C 17 -12.10 12.12 8.75
N ARG C 18 -13.42 12.25 8.72
CA ARG C 18 -14.14 13.17 9.61
C ARG C 18 -15.25 12.48 10.38
N GLY C 19 -15.21 11.15 10.48
CA GLY C 19 -16.28 10.40 11.16
C GLY C 19 -17.66 10.47 10.51
N GLN C 20 -17.70 10.71 9.20
CA GLN C 20 -18.99 10.90 8.49
C GLN C 20 -19.50 9.64 7.77
N ALA C 21 -18.65 8.61 7.70
CA ALA C 21 -19.02 7.36 7.02
C ALA C 21 -19.70 6.38 7.96
N PHE C 22 -20.36 5.38 7.37
CA PHE C 22 -21.09 4.39 8.20
C PHE C 22 -20.16 3.31 8.78
N TRP C 23 -20.27 3.04 10.09
CA TRP C 23 -19.67 1.80 10.62
C TRP C 23 -20.27 0.66 9.78
N PRO C 24 -19.41 -0.22 9.22
CA PRO C 24 -19.94 -1.27 8.32
C PRO C 24 -20.71 -2.33 9.13
N VAL C 25 -20.23 -2.59 10.34
CA VAL C 25 -21.03 -3.30 11.34
C VAL C 25 -20.74 -2.67 12.69
N ARG C 26 -21.65 -2.85 13.64
CA ARG C 26 -21.41 -2.34 15.00
C ARG C 26 -20.96 -3.48 15.92
N GLY C 27 -19.88 -3.25 16.67
CA GLY C 27 -19.36 -4.27 17.56
C GLY C 27 -18.00 -3.85 18.09
N PRO C 28 -17.36 -4.73 18.89
CA PRO C 28 -16.02 -4.47 19.47
C PRO C 28 -14.96 -4.52 18.40
N THR C 29 -13.86 -3.79 18.61
CA THR C 29 -12.72 -3.91 17.72
C THR C 29 -11.88 -5.08 18.24
N LEU C 30 -11.87 -6.19 17.52
CA LEU C 30 -11.14 -7.36 17.96
C LEU C 30 -9.66 -7.23 17.63
N HIS C 31 -9.36 -6.61 16.48
CA HIS C 31 -7.98 -6.29 16.08
C HIS C 31 -7.94 -4.92 15.47
N ARG C 32 -6.87 -4.18 15.71
CA ARG C 32 -6.78 -2.83 15.16
CA ARG C 32 -6.76 -2.83 15.15
C ARG C 32 -5.69 -2.73 14.10
N TYR C 33 -5.84 -1.75 13.23
CA TYR C 33 -4.86 -1.53 12.19
C TYR C 33 -3.48 -1.34 12.83
N GLY C 34 -2.48 -2.03 12.31
CA GLY C 34 -1.12 -1.89 12.82
C GLY C 34 -0.71 -2.75 14.01
N GLU C 35 -1.68 -3.39 14.65
CA GLU C 35 -1.41 -4.32 15.76
C GLU C 35 -0.57 -5.52 15.32
N GLN C 36 0.22 -6.08 16.24
CA GLN C 36 1.03 -7.27 15.91
C GLN C 36 0.12 -8.39 15.43
N LEU C 37 0.47 -8.97 14.29
CA LEU C 37 -0.25 -10.08 13.72
C LEU C 37 0.54 -11.38 13.99
N GLN C 38 1.82 -11.35 13.65
CA GLN C 38 2.76 -12.48 13.85
C GLN C 38 4.21 -11.94 13.82
N GLY C 39 4.97 -12.19 14.88
CA GLY C 39 6.32 -11.65 14.95
C GLY C 39 6.23 -10.16 14.71
N GLU C 40 6.95 -9.69 13.69
CA GLU C 40 6.97 -8.26 13.32
C GLU C 40 5.89 -7.85 12.32
N LEU C 41 5.20 -8.82 11.72
CA LEU C 41 4.12 -8.54 10.76
C LEU C 41 2.96 -7.85 11.48
N ARG C 42 2.20 -7.03 10.76
CA ARG C 42 1.11 -6.27 11.40
C ARG C 42 -0.19 -6.30 10.62
N TRP C 43 -1.32 -6.14 11.33
CA TRP C 43 -2.62 -5.99 10.67
C TRP C 43 -2.60 -4.76 9.78
N LYS C 44 -3.24 -4.88 8.62
CA LYS C 44 -3.36 -3.73 7.74
C LYS C 44 -4.84 -3.35 7.58
N GLY C 45 -5.66 -3.87 8.49
CA GLY C 45 -7.09 -3.50 8.53
C GLY C 45 -7.56 -3.77 9.95
N MET C 46 -8.84 -3.57 10.22
CA MET C 46 -9.30 -3.83 11.58
C MET C 46 -10.28 -4.98 11.49
N VAL C 47 -10.60 -5.60 12.62
CA VAL C 47 -11.57 -6.69 12.68
C VAL C 47 -12.60 -6.26 13.69
N ILE C 48 -13.88 -6.29 13.28
CA ILE C 48 -14.96 -5.84 14.16
C ILE C 48 -15.87 -7.03 14.44
N GLY C 49 -16.10 -7.32 15.72
CA GLY C 49 -16.94 -8.46 16.06
C GLY C 49 -18.39 -8.21 15.75
N ALA C 50 -19.08 -9.21 15.22
CA ALA C 50 -20.53 -9.11 15.05
C ALA C 50 -21.08 -10.53 14.88
N SER C 51 -22.36 -10.75 15.17
CA SER C 51 -22.87 -12.11 15.05
C SER C 51 -23.02 -12.57 13.61
N GLU C 52 -22.92 -13.88 13.44
CA GLU C 52 -23.13 -14.54 12.16
C GLU C 52 -24.39 -14.01 11.47
N GLY C 53 -24.23 -13.70 10.17
CA GLY C 53 -25.35 -13.20 9.38
C GLY C 53 -25.76 -11.76 9.53
N THR C 54 -25.02 -10.98 10.32
CA THR C 54 -25.28 -9.57 10.42
C THR C 54 -25.02 -8.93 9.05
N GLU C 55 -25.85 -7.96 8.69
CA GLU C 55 -25.65 -7.18 7.45
C GLU C 55 -24.45 -6.26 7.55
N VAL C 56 -23.56 -6.38 6.56
CA VAL C 56 -22.39 -5.48 6.42
C VAL C 56 -22.84 -4.33 5.53
N LYS C 57 -22.69 -3.08 5.98
CA LYS C 57 -23.12 -1.92 5.19
C LYS C 57 -21.94 -1.29 4.46
N ALA C 58 -22.17 -0.86 3.23
CA ALA C 58 -21.17 -0.07 2.53
C ALA C 58 -20.99 1.21 3.34
N ILE C 59 -19.74 1.63 3.55
CA ILE C 59 -19.52 2.84 4.36
C ILE C 59 -19.84 4.14 3.66
N ALA C 60 -19.82 4.13 2.31
CA ALA C 60 -20.08 5.30 1.45
C ALA C 60 -20.47 4.81 0.07
N ASP C 61 -20.92 5.74 -0.79
CA ASP C 61 -21.31 5.40 -2.15
C ASP C 61 -20.09 4.90 -2.89
N GLY C 62 -20.31 3.97 -3.82
CA GLY C 62 -19.20 3.48 -4.62
C GLY C 62 -19.64 2.41 -5.59
N ARG C 63 -18.69 1.82 -6.30
CA ARG C 63 -19.02 0.73 -7.19
C ARG C 63 -18.22 -0.50 -6.79
N VAL C 64 -18.87 -1.66 -6.79
CA VAL C 64 -18.22 -2.92 -6.44
C VAL C 64 -17.28 -3.35 -7.57
N ILE C 65 -16.04 -3.64 -7.22
CA ILE C 65 -15.03 -4.09 -8.20
C ILE C 65 -14.53 -5.52 -7.94
N LEU C 66 -14.86 -6.08 -6.77
CA LEU C 66 -14.47 -7.47 -6.42
C LEU C 66 -15.51 -8.07 -5.47
N ALA C 67 -15.94 -9.30 -5.74
CA ALA C 67 -16.81 -10.09 -4.81
C ALA C 67 -16.36 -11.54 -4.94
N ASP C 68 -15.39 -11.95 -4.13
CA ASP C 68 -14.75 -13.24 -4.32
C ASP C 68 -13.88 -13.60 -3.12
N TRP C 69 -13.56 -14.88 -3.04
CA TRP C 69 -12.64 -15.40 -2.03
C TRP C 69 -11.20 -14.89 -2.29
N LEU C 70 -10.56 -14.42 -1.24
CA LEU C 70 -9.14 -14.00 -1.24
C LEU C 70 -8.51 -14.82 -0.11
N GLN C 71 -7.52 -15.64 -0.42
CA GLN C 71 -6.92 -16.49 0.65
C GLN C 71 -6.46 -15.65 1.82
N GLY C 72 -6.93 -16.02 3.02
CA GLY C 72 -6.57 -15.32 4.23
C GLY C 72 -7.65 -14.36 4.68
N TYR C 73 -8.53 -13.98 3.74
CA TYR C 73 -9.56 -12.97 4.03
C TYR C 73 -10.99 -13.49 3.80
N GLY C 74 -11.11 -14.77 3.48
CA GLY C 74 -12.43 -15.34 3.21
C GLY C 74 -13.08 -14.64 2.03
N LEU C 75 -14.40 -14.54 2.05
CA LEU C 75 -15.13 -13.89 0.96
C LEU C 75 -15.03 -12.41 1.17
N VAL C 76 -14.49 -11.74 0.16
CA VAL C 76 -14.28 -10.29 0.20
C VAL C 76 -15.13 -9.53 -0.80
N VAL C 77 -15.66 -8.39 -0.37
CA VAL C 77 -16.24 -7.42 -1.30
C VAL C 77 -15.36 -6.14 -1.28
N VAL C 78 -15.04 -5.61 -2.46
CA VAL C 78 -14.25 -4.39 -2.52
C VAL C 78 -15.05 -3.29 -3.24
N VAL C 79 -15.12 -2.10 -2.63
CA VAL C 79 -15.90 -0.99 -3.21
C VAL C 79 -14.96 0.15 -3.55
N GLU C 80 -15.07 0.63 -4.78
CA GLU C 80 -14.30 1.79 -5.20
C GLU C 80 -15.12 3.05 -4.95
N HIS C 81 -14.51 4.01 -4.27
CA HIS C 81 -15.24 5.22 -3.94
C HIS C 81 -14.94 6.43 -4.83
N GLY C 82 -14.03 6.22 -5.78
CA GLY C 82 -13.50 7.28 -6.63
C GLY C 82 -12.14 7.72 -6.14
N LYS C 83 -11.33 8.20 -7.10
CA LYS C 83 -10.05 8.79 -6.79
C LYS C 83 -9.08 7.88 -6.04
N GLY C 84 -9.28 6.57 -6.17
CA GLY C 84 -8.34 5.60 -5.61
C GLY C 84 -8.69 5.22 -4.19
N ASP C 85 -9.69 5.88 -3.61
CA ASP C 85 -10.14 5.46 -2.25
C ASP C 85 -10.99 4.21 -2.38
N MET C 86 -10.70 3.20 -1.55
CA MET C 86 -11.41 1.93 -1.61
CA MET C 86 -11.52 1.99 -1.60
C MET C 86 -11.71 1.41 -0.22
N SER C 87 -12.79 0.63 -0.08
CA SER C 87 -13.05 -0.09 1.17
C SER C 87 -13.19 -1.60 0.87
N LEU C 88 -12.68 -2.42 1.79
CA LEU C 88 -12.69 -3.87 1.64
CA LEU C 88 -12.74 -3.87 1.62
C LEU C 88 -13.35 -4.49 2.85
N TYR C 89 -14.23 -5.46 2.61
CA TYR C 89 -15.02 -6.13 3.63
C TYR C 89 -14.80 -7.64 3.48
N GLY C 90 -14.25 -8.31 4.50
CA GLY C 90 -13.88 -9.71 4.42
C GLY C 90 -14.45 -10.56 5.54
N TYR C 91 -14.13 -11.85 5.41
CA TYR C 91 -14.57 -12.92 6.30
C TYR C 91 -16.05 -13.26 6.15
N ASN C 92 -16.68 -12.75 5.10
CA ASN C 92 -18.12 -12.89 4.92
C ASN C 92 -18.61 -14.32 4.60
N GLN C 93 -19.83 -14.62 5.01
CA GLN C 93 -20.42 -15.92 4.62
C GLN C 93 -21.14 -15.87 3.27
N SER C 94 -21.48 -14.66 2.84
CA SER C 94 -22.14 -14.47 1.55
C SER C 94 -22.13 -12.99 1.15
N ALA C 95 -22.22 -12.74 -0.16
CA ALA C 95 -22.28 -11.37 -0.70
C ALA C 95 -23.71 -11.03 -1.14
N LEU C 96 -24.12 -9.78 -0.93
CA LEU C 96 -25.48 -9.31 -1.29
C LEU C 96 -25.43 -8.36 -2.45
N VAL C 97 -24.24 -8.24 -3.05
CA VAL C 97 -24.06 -7.40 -4.23
C VAL C 97 -23.11 -8.10 -5.19
N SER C 98 -23.10 -7.66 -6.43
CA SER C 98 -22.27 -8.27 -7.49
CA SER C 98 -22.27 -8.28 -7.46
C SER C 98 -21.29 -7.26 -8.05
N VAL C 99 -20.22 -7.77 -8.63
CA VAL C 99 -19.26 -6.90 -9.31
C VAL C 99 -19.94 -6.02 -10.36
N GLY C 100 -19.50 -4.78 -10.37
CA GLY C 100 -19.99 -3.80 -11.31
C GLY C 100 -21.18 -2.99 -10.83
N SER C 101 -21.77 -3.36 -9.70
CA SER C 101 -22.91 -2.62 -9.22
C SER C 101 -22.54 -1.38 -8.39
N GLN C 102 -23.27 -0.29 -8.60
CA GLN C 102 -23.18 0.90 -7.74
C GLN C 102 -23.91 0.56 -6.44
N VAL C 103 -23.28 0.90 -5.33
CA VAL C 103 -23.94 0.77 -4.02
C VAL C 103 -24.03 2.15 -3.37
N ARG C 104 -24.93 2.30 -2.40
CA ARG C 104 -25.05 3.58 -1.69
C ARG C 104 -24.58 3.45 -0.26
N ALA C 105 -24.17 4.56 0.36
CA ALA C 105 -23.77 4.54 1.77
C ALA C 105 -24.88 3.91 2.62
N GLY C 106 -24.50 2.96 3.47
CA GLY C 106 -25.42 2.27 4.38
C GLY C 106 -26.12 1.05 3.77
N GLN C 107 -25.88 0.81 2.49
CA GLN C 107 -26.51 -0.32 1.81
C GLN C 107 -25.94 -1.68 2.21
N PRO C 108 -26.79 -2.67 2.50
CA PRO C 108 -26.24 -4.02 2.77
C PRO C 108 -25.48 -4.63 1.58
N ILE C 109 -24.23 -5.07 1.81
CA ILE C 109 -23.41 -5.63 0.73
C ILE C 109 -22.91 -7.04 1.04
N ALA C 110 -23.08 -7.53 2.26
CA ALA C 110 -22.61 -8.86 2.60
C ALA C 110 -23.18 -9.29 3.94
N LEU C 111 -23.09 -10.60 4.24
CA LEU C 111 -23.51 -11.12 5.55
C LEU C 111 -22.31 -11.66 6.28
N VAL C 112 -22.17 -11.24 7.55
CA VAL C 112 -21.02 -11.61 8.39
C VAL C 112 -20.83 -13.13 8.54
N GLY C 113 -19.59 -13.60 8.40
CA GLY C 113 -19.29 -15.02 8.59
C GLY C 113 -17.97 -15.23 9.32
N SER C 114 -17.47 -16.44 9.21
CA SER C 114 -16.19 -16.89 9.75
C SER C 114 -15.29 -17.42 8.61
N SER C 115 -15.45 -16.88 7.41
CA SER C 115 -14.79 -17.50 6.25
C SER C 115 -13.28 -17.27 6.19
N GLY C 116 -12.80 -16.34 7.00
CA GLY C 116 -11.37 -16.12 7.15
C GLY C 116 -10.79 -17.18 8.06
N GLY C 117 -11.65 -18.06 8.56
CA GLY C 117 -11.25 -19.17 9.42
C GLY C 117 -10.93 -18.68 10.82
N GLN C 118 -11.71 -17.73 11.30
CA GLN C 118 -11.49 -17.25 12.66
C GLN C 118 -12.39 -18.01 13.64
N GLY C 119 -12.25 -17.68 14.92
CA GLY C 119 -12.97 -18.39 16.00
C GLY C 119 -14.29 -17.79 16.44
N ARG C 120 -14.52 -16.53 16.10
CA ARG C 120 -15.84 -15.92 16.28
C ARG C 120 -16.20 -15.23 14.96
N PRO C 121 -17.50 -15.17 14.63
CA PRO C 121 -17.83 -14.40 13.45
C PRO C 121 -17.41 -12.94 13.63
N SER C 122 -17.01 -12.30 12.53
CA SER C 122 -16.47 -10.96 12.59
C SER C 122 -16.28 -10.44 11.18
N LEU C 123 -16.13 -9.11 11.06
CA LEU C 123 -15.86 -8.48 9.79
C LEU C 123 -14.42 -7.99 9.72
N TYR C 124 -13.73 -8.38 8.65
CA TYR C 124 -12.41 -7.82 8.31
C TYR C 124 -12.68 -6.53 7.52
N PHE C 125 -12.05 -5.43 7.91
CA PHE C 125 -12.38 -4.13 7.30
C PHE C 125 -11.10 -3.34 7.02
N GLU C 126 -10.90 -2.95 5.75
CA GLU C 126 -9.66 -2.28 5.34
C GLU C 126 -10.06 -1.11 4.46
N ILE C 127 -9.35 0.01 4.60
CA ILE C 127 -9.50 1.13 3.67
C ILE C 127 -8.14 1.42 3.04
N ARG C 128 -8.15 1.67 1.73
CA ARG C 128 -6.95 2.07 1.03
C ARG C 128 -7.14 3.45 0.41
N ARG C 129 -6.04 4.20 0.37
CA ARG C 129 -5.97 5.50 -0.30
C ARG C 129 -4.72 5.44 -1.18
N GLN C 130 -4.88 5.67 -2.48
CA GLN C 130 -3.79 5.57 -3.44
C GLN C 130 -2.90 4.32 -3.30
N GLY C 131 -3.55 3.17 -3.20
CA GLY C 131 -2.82 1.91 -3.15
C GLY C 131 -2.34 1.45 -1.77
N GLN C 132 -2.46 2.30 -0.75
CA GLN C 132 -1.92 1.98 0.57
C GLN C 132 -3.06 1.80 1.59
N ALA C 133 -3.01 0.67 2.32
CA ALA C 133 -3.96 0.42 3.38
C ALA C 133 -3.60 1.38 4.54
N VAL C 134 -4.62 2.02 5.10
CA VAL C 134 -4.42 3.02 6.18
C VAL C 134 -5.42 2.73 7.31
N ASN C 135 -5.23 3.34 8.48
CA ASN C 135 -6.14 3.07 9.58
C ASN C 135 -7.56 3.48 9.16
N PRO C 136 -8.53 2.54 9.12
CA PRO C 136 -9.85 3.03 8.66
C PRO C 136 -10.73 3.74 9.69
N GLN C 137 -10.43 3.54 10.96
CA GLN C 137 -11.36 4.02 11.99
C GLN C 137 -11.71 5.53 11.94
N PRO C 138 -10.76 6.42 11.57
CA PRO C 138 -11.17 7.85 11.55
C PRO C 138 -12.30 8.24 10.57
N TRP C 139 -12.59 7.41 9.56
CA TRP C 139 -13.71 7.74 8.67
C TRP C 139 -15.05 7.36 9.30
N LEU C 140 -15.01 6.53 10.35
CA LEU C 140 -16.26 5.95 10.82
C LEU C 140 -16.93 6.78 11.91
N GLY C 141 -18.21 7.08 11.76
CA GLY C 141 -18.95 7.77 12.82
C GLY C 141 -20.47 7.71 12.79
N ARG C 142 -21.04 7.06 11.76
CA ARG C 142 -22.49 7.10 11.50
C ARG C 142 -23.11 5.72 11.59
N GLY D 13 8.74 10.31 29.64
CA GLY D 13 8.57 11.68 29.06
C GLY D 13 9.54 12.01 27.94
N LEU D 14 9.44 13.24 27.45
CA LEU D 14 10.32 13.69 26.40
C LEU D 14 11.70 14.13 26.90
N GLY D 15 11.86 14.21 28.22
CA GLY D 15 13.11 14.67 28.82
C GLY D 15 13.39 16.15 28.57
N ALA D 16 14.60 16.61 28.85
CA ALA D 16 14.95 18.02 28.62
C ALA D 16 15.00 18.29 27.10
N PRO D 17 14.68 19.51 26.66
CA PRO D 17 14.70 19.81 25.21
C PRO D 17 16.13 20.05 24.73
N ARG D 18 16.73 19.03 24.12
CA ARG D 18 18.16 19.00 23.80
C ARG D 18 18.41 18.62 22.37
N GLY D 19 17.41 18.78 21.50
CA GLY D 19 17.61 18.49 20.08
C GLY D 19 17.82 17.00 19.81
N GLN D 20 17.29 16.16 20.69
CA GLN D 20 17.49 14.70 20.60
C GLN D 20 16.36 13.94 19.91
N ALA D 21 15.21 14.61 19.73
CA ALA D 21 14.07 13.94 19.13
C ALA D 21 14.07 14.06 17.60
N PHE D 22 13.26 13.24 16.93
CA PHE D 22 13.20 13.29 15.46
C PHE D 22 12.31 14.44 15.00
N TRP D 23 12.76 15.20 14.02
CA TRP D 23 11.87 16.05 13.23
C TRP D 23 10.78 15.10 12.69
N PRO D 24 9.52 15.49 12.85
CA PRO D 24 8.43 14.59 12.40
C PRO D 24 8.34 14.57 10.87
N VAL D 25 8.65 15.70 10.23
CA VAL D 25 8.84 15.77 8.76
C VAL D 25 9.95 16.80 8.60
N ARG D 26 10.65 16.74 7.48
CA ARG D 26 11.66 17.76 7.19
C ARG D 26 11.10 18.78 6.18
N GLY D 27 11.26 20.06 6.47
CA GLY D 27 10.75 21.09 5.55
C GLY D 27 10.86 22.45 6.20
N PRO D 28 10.39 23.49 5.51
CA PRO D 28 10.40 24.87 6.03
C PRO D 28 9.41 25.03 7.17
N THR D 29 9.68 25.98 8.05
CA THR D 29 8.71 26.27 9.09
C THR D 29 7.79 27.34 8.52
N LEU D 30 6.52 27.01 8.34
CA LEU D 30 5.56 27.95 7.71
C LEU D 30 4.94 28.87 8.73
N HIS D 31 4.72 28.33 9.94
CA HIS D 31 4.20 29.08 11.08
C HIS D 31 4.91 28.59 12.32
N ARG D 32 5.28 29.52 13.19
CA ARG D 32 5.97 29.12 14.40
C ARG D 32 5.12 29.30 15.63
N TYR D 33 5.46 28.57 16.69
CA TYR D 33 4.73 28.67 17.95
C TYR D 33 4.73 30.14 18.44
N GLY D 34 3.56 30.64 18.85
CA GLY D 34 3.46 32.01 19.40
C GLY D 34 3.26 33.10 18.35
N GLU D 35 3.43 32.76 17.07
CA GLU D 35 3.18 33.72 15.95
C GLU D 35 1.72 34.13 15.89
N GLN D 36 1.47 35.36 15.42
CA GLN D 36 0.11 35.89 15.30
C GLN D 36 -0.70 35.01 14.37
N LEU D 37 -1.87 34.55 14.83
CA LEU D 37 -2.78 33.75 14.01
C LEU D 37 -3.93 34.60 13.42
N GLN D 38 -4.62 35.32 14.30
CA GLN D 38 -5.69 36.26 13.93
C GLN D 38 -5.80 37.30 15.05
N GLY D 39 -5.64 38.58 14.70
CA GLY D 39 -5.67 39.63 15.71
C GLY D 39 -4.65 39.30 16.80
N GLU D 40 -5.12 39.16 18.03
CA GLU D 40 -4.20 38.87 19.15
C GLU D 40 -4.06 37.36 19.44
N LEU D 41 -4.87 36.53 18.79
CA LEU D 41 -4.74 35.07 18.92
C LEU D 41 -3.40 34.64 18.34
N ARG D 42 -2.85 33.55 18.88
CA ARG D 42 -1.54 33.08 18.48
C ARG D 42 -1.50 31.58 18.21
N TRP D 43 -0.58 31.15 17.34
CA TRP D 43 -0.34 29.72 17.13
C TRP D 43 0.16 29.05 18.41
N LYS D 44 -0.35 27.86 18.71
CA LYS D 44 0.13 27.10 19.87
C LYS D 44 0.89 25.82 19.44
N GLY D 45 1.35 25.81 18.19
CA GLY D 45 2.12 24.70 17.62
C GLY D 45 2.83 25.30 16.41
N MET D 46 3.58 24.50 15.67
CA MET D 46 4.26 24.99 14.47
C MET D 46 3.69 24.26 13.30
N VAL D 47 3.93 24.77 12.09
CA VAL D 47 3.44 24.14 10.86
C VAL D 47 4.66 23.96 10.00
N ILE D 48 4.89 22.73 9.56
CA ILE D 48 6.08 22.41 8.79
C ILE D 48 5.67 21.97 7.38
N GLY D 49 6.18 22.65 6.36
CA GLY D 49 5.86 22.24 5.00
C GLY D 49 6.46 20.92 4.58
N ALA D 50 5.69 20.12 3.85
CA ALA D 50 6.15 18.82 3.33
C ALA D 50 5.16 18.40 2.25
N SER D 51 5.60 17.61 1.26
CA SER D 51 4.68 17.24 0.19
C SER D 51 3.61 16.26 0.66
N GLU D 52 2.48 16.32 -0.04
CA GLU D 52 1.38 15.40 0.17
C GLU D 52 1.88 13.97 0.25
N GLY D 53 1.44 13.22 1.24
CA GLY D 53 1.84 11.81 1.33
C GLY D 53 3.17 11.53 1.99
N THR D 54 3.85 12.57 2.47
CA THR D 54 5.12 12.35 3.16
C THR D 54 4.80 11.64 4.47
N GLU D 55 5.66 10.70 4.86
CA GLU D 55 5.55 10.00 6.16
C GLU D 55 5.85 10.94 7.32
N VAL D 56 4.90 11.02 8.26
CA VAL D 56 5.08 11.78 9.53
C VAL D 56 5.66 10.79 10.55
N LYS D 57 6.81 11.11 11.14
CA LYS D 57 7.48 10.23 12.10
CA LYS D 57 7.47 10.21 12.10
C LYS D 57 7.18 10.60 13.54
N ALA D 58 6.95 9.60 14.42
CA ALA D 58 6.78 9.90 15.82
C ALA D 58 8.12 10.46 16.28
N ILE D 59 8.10 11.53 17.07
CA ILE D 59 9.38 12.12 17.48
C ILE D 59 10.12 11.32 18.54
N ALA D 60 9.38 10.48 19.29
CA ALA D 60 9.91 9.67 20.42
C ALA D 60 8.97 8.53 20.72
N ASP D 61 9.44 7.53 21.49
CA ASP D 61 8.60 6.42 21.87
C ASP D 61 7.38 6.92 22.63
N GLY D 62 6.25 6.24 22.44
CA GLY D 62 5.08 6.63 23.22
C GLY D 62 3.92 5.78 22.83
N ARG D 63 2.74 6.10 23.35
CA ARG D 63 1.57 5.31 22.99
C ARG D 63 0.52 6.25 22.41
N VAL D 64 -0.15 5.78 21.35
CA VAL D 64 -1.17 6.59 20.67
C VAL D 64 -2.42 6.67 21.52
N ILE D 65 -2.90 7.88 21.78
CA ILE D 65 -4.14 8.05 22.58
C ILE D 65 -5.30 8.66 21.77
N LEU D 66 -5.03 9.20 20.56
CA LEU D 66 -6.08 9.77 19.70
C LEU D 66 -5.63 9.64 18.24
N ALA D 67 -6.55 9.21 17.38
CA ALA D 67 -6.31 9.20 15.92
C ALA D 67 -7.68 9.56 15.31
N ASP D 68 -7.96 10.86 15.18
CA ASP D 68 -9.29 11.30 14.77
C ASP D 68 -9.27 12.74 14.29
N TRP D 69 -10.37 13.16 13.68
CA TRP D 69 -10.56 14.53 13.21
C TRP D 69 -10.78 15.43 14.41
N LEU D 70 -10.11 16.56 14.42
CA LEU D 70 -10.36 17.62 15.44
C LEU D 70 -10.62 18.88 14.61
N GLN D 71 -11.77 19.53 14.77
CA GLN D 71 -12.07 20.75 13.99
C GLN D 71 -10.95 21.78 14.07
N GLY D 72 -10.47 22.22 12.92
CA GLY D 72 -9.43 23.23 12.87
C GLY D 72 -8.07 22.61 12.60
N TYR D 73 -7.93 21.31 12.86
CA TYR D 73 -6.62 20.63 12.81
C TYR D 73 -6.60 19.41 11.90
N GLY D 74 -7.69 19.21 11.16
CA GLY D 74 -7.87 18.02 10.31
C GLY D 74 -7.68 16.72 11.07
N LEU D 75 -7.12 15.71 10.41
CA LEU D 75 -6.91 14.40 11.06
C LEU D 75 -5.72 14.51 11.97
N VAL D 76 -5.92 14.21 13.26
CA VAL D 76 -4.84 14.36 14.25
C VAL D 76 -4.44 13.02 14.88
N VAL D 77 -3.15 12.81 15.11
CA VAL D 77 -2.68 11.69 15.94
C VAL D 77 -2.03 12.30 17.18
N VAL D 78 -2.36 11.82 18.38
CA VAL D 78 -1.74 12.31 19.60
C VAL D 78 -0.95 11.15 20.23
N VAL D 79 0.30 11.39 20.63
CA VAL D 79 1.12 10.33 21.27
C VAL D 79 1.48 10.77 22.68
N GLU D 80 1.18 9.89 23.65
CA GLU D 80 1.61 10.12 25.03
C GLU D 80 3.02 9.58 25.24
N HIS D 81 3.93 10.40 25.73
CA HIS D 81 5.32 9.98 25.90
C HIS D 81 5.65 9.60 27.35
N GLY D 82 4.66 9.72 28.23
CA GLY D 82 4.87 9.52 29.68
C GLY D 82 4.95 10.84 30.42
N LYS D 83 4.51 10.81 31.69
CA LYS D 83 4.63 11.95 32.62
C LYS D 83 3.94 13.23 32.13
N GLY D 84 2.96 13.05 31.25
CA GLY D 84 2.17 14.20 30.75
C GLY D 84 2.74 14.87 29.52
N ASP D 85 3.91 14.44 29.04
CA ASP D 85 4.49 14.98 27.80
C ASP D 85 3.74 14.34 26.65
N MET D 86 3.33 15.12 25.64
CA MET D 86 2.58 14.56 24.53
C MET D 86 2.99 15.28 23.27
N SER D 87 2.91 14.59 22.13
CA SER D 87 3.10 15.29 20.85
C SER D 87 1.85 15.07 19.99
N LEU D 88 1.52 16.06 19.15
CA LEU D 88 0.28 16.02 18.36
C LEU D 88 0.65 16.34 16.92
N TYR D 89 0.07 15.63 15.96
CA TYR D 89 0.46 15.69 14.54
C TYR D 89 -0.85 15.87 13.77
N GLY D 90 -1.03 16.98 13.08
CA GLY D 90 -2.27 17.30 12.43
C GLY D 90 -2.17 17.61 10.97
N TYR D 91 -3.35 17.86 10.38
CA TYR D 91 -3.55 18.15 8.94
C TYR D 91 -3.37 16.92 8.06
N ASN D 92 -3.26 15.73 8.64
CA ASN D 92 -2.93 14.54 7.89
C ASN D 92 -3.99 14.02 6.89
N GLN D 93 -3.57 13.33 5.84
CA GLN D 93 -4.58 12.76 4.94
C GLN D 93 -5.00 11.37 5.37
N SER D 94 -4.15 10.71 6.17
CA SER D 94 -4.48 9.38 6.68
C SER D 94 -3.55 9.07 7.86
N ALA D 95 -3.99 8.16 8.73
CA ALA D 95 -3.17 7.70 9.86
C ALA D 95 -2.63 6.30 9.61
N LEU D 96 -1.41 6.03 10.10
CA LEU D 96 -0.73 4.74 9.93
C LEU D 96 -0.60 3.94 11.22
N VAL D 97 -1.29 4.43 12.25
CA VAL D 97 -1.33 3.77 13.55
C VAL D 97 -2.73 3.95 14.09
N SER D 98 -3.04 3.10 15.07
CA SER D 98 -4.35 3.11 15.75
C SER D 98 -4.22 3.48 17.22
N VAL D 99 -5.31 4.00 17.77
CA VAL D 99 -5.35 4.27 19.21
C VAL D 99 -4.98 3.02 20.02
N GLY D 100 -4.19 3.28 21.06
CA GLY D 100 -3.72 2.24 21.97
C GLY D 100 -2.40 1.58 21.58
N SER D 101 -1.92 1.83 20.37
CA SER D 101 -0.65 1.24 19.94
C SER D 101 0.60 1.96 20.45
N GLN D 102 1.57 1.17 20.89
CA GLN D 102 2.87 1.70 21.25
CA GLN D 102 2.89 1.67 21.25
C GLN D 102 3.60 2.03 19.94
N VAL D 103 4.25 3.19 19.89
CA VAL D 103 5.04 3.51 18.68
C VAL D 103 6.50 3.80 19.10
N ARG D 104 7.45 3.66 18.17
CA ARG D 104 8.86 3.95 18.47
CA ARG D 104 8.85 3.97 18.50
C ARG D 104 9.29 5.25 17.82
N ALA D 105 10.30 5.90 18.40
CA ALA D 105 10.86 7.11 17.81
C ALA D 105 11.25 6.81 16.36
N GLY D 106 10.77 7.68 15.48
CA GLY D 106 11.11 7.59 14.06
C GLY D 106 10.12 6.76 13.24
N GLN D 107 9.15 6.16 13.92
CA GLN D 107 8.17 5.30 13.25
C GLN D 107 7.15 6.11 12.46
N PRO D 108 6.82 5.70 11.24
CA PRO D 108 5.73 6.37 10.52
C PRO D 108 4.37 6.23 11.22
N ILE D 109 3.72 7.37 11.48
CA ILE D 109 2.40 7.38 12.14
C ILE D 109 1.26 8.02 11.32
N ALA D 110 1.58 8.72 10.24
CA ALA D 110 0.55 9.38 9.46
C ALA D 110 1.17 9.79 8.14
N LEU D 111 0.30 10.19 7.20
CA LEU D 111 0.71 10.69 5.88
C LEU D 111 0.28 12.13 5.74
N VAL D 112 1.20 13.01 5.35
CA VAL D 112 0.93 14.46 5.25
C VAL D 112 -0.23 14.77 4.30
N GLY D 113 -1.13 15.67 4.72
CA GLY D 113 -2.21 16.13 3.85
C GLY D 113 -2.49 17.62 3.98
N SER D 114 -3.72 17.99 3.60
CA SER D 114 -4.23 19.37 3.64
C SER D 114 -5.53 19.37 4.44
N SER D 115 -5.69 18.41 5.35
CA SER D 115 -7.00 18.24 6.01
C SER D 115 -7.41 19.38 6.94
N GLY D 116 -6.46 20.23 7.29
CA GLY D 116 -6.75 21.39 8.12
C GLY D 116 -7.29 22.58 7.32
N GLY D 117 -7.50 22.35 6.02
CA GLY D 117 -8.00 23.39 5.12
C GLY D 117 -6.91 24.37 4.72
N GLN D 118 -5.67 23.90 4.66
CA GLN D 118 -4.60 24.80 4.26
C GLN D 118 -4.46 24.76 2.74
N GLY D 119 -3.55 25.58 2.21
CA GLY D 119 -3.37 25.68 0.76
C GLY D 119 -2.07 25.07 0.28
N ARG D 120 -1.30 24.55 1.23
CA ARG D 120 -0.03 23.88 1.00
C ARG D 120 -0.12 22.62 1.85
N PRO D 121 0.19 21.43 1.29
CA PRO D 121 0.28 20.31 2.23
C PRO D 121 1.32 20.63 3.31
N SER D 122 1.04 20.20 4.53
CA SER D 122 1.93 20.56 5.62
C SER D 122 1.51 19.80 6.89
N LEU D 123 2.42 19.72 7.84
CA LEU D 123 2.14 19.10 9.15
C LEU D 123 1.91 20.14 10.24
N TYR D 124 0.79 20.03 10.94
CA TYR D 124 0.59 20.76 12.21
C TYR D 124 1.28 19.96 13.31
N PHE D 125 2.12 20.61 14.10
CA PHE D 125 2.90 19.91 15.10
C PHE D 125 2.92 20.67 16.44
N GLU D 126 2.40 20.01 17.48
CA GLU D 126 2.27 20.60 18.82
C GLU D 126 2.90 19.67 19.86
N ILE D 127 3.55 20.24 20.86
CA ILE D 127 4.07 19.45 22.01
C ILE D 127 3.43 20.08 23.24
N ARG D 128 2.97 19.25 24.19
CA ARG D 128 2.44 19.72 25.48
C ARG D 128 3.23 19.12 26.61
N ARG D 129 3.35 19.90 27.68
CA ARG D 129 3.98 19.44 28.92
C ARG D 129 3.00 19.85 30.03
N GLN D 130 2.60 18.86 30.83
CA GLN D 130 1.61 19.07 31.88
C GLN D 130 0.43 19.92 31.44
N GLY D 131 -0.15 19.57 30.30
CA GLY D 131 -1.35 20.24 29.86
C GLY D 131 -1.18 21.52 29.05
N GLN D 132 0.06 22.01 28.94
CA GLN D 132 0.31 23.29 28.29
C GLN D 132 1.12 23.12 27.00
N ALA D 133 0.60 23.69 25.91
CA ALA D 133 1.32 23.68 24.65
C ALA D 133 2.51 24.63 24.80
N VAL D 134 3.69 24.17 24.40
CA VAL D 134 4.94 24.94 24.50
C VAL D 134 5.64 24.87 23.14
N ASN D 135 6.66 25.70 22.92
CA ASN D 135 7.36 25.69 21.62
C ASN D 135 7.99 24.30 21.42
N PRO D 136 7.64 23.59 20.32
CA PRO D 136 8.19 22.25 20.17
C PRO D 136 9.59 22.18 19.61
N GLN D 137 10.03 23.26 18.97
CA GLN D 137 11.24 23.13 18.18
C GLN D 137 12.50 22.74 18.96
N PRO D 138 12.67 23.19 20.22
CA PRO D 138 13.91 22.79 20.93
C PRO D 138 14.17 21.29 21.12
N TRP D 139 13.13 20.46 21.05
CA TRP D 139 13.33 19.03 21.16
C TRP D 139 13.83 18.42 19.88
N LEU D 140 13.70 19.16 18.76
CA LEU D 140 13.92 18.54 17.44
C LEU D 140 15.38 18.64 17.01
N GLY D 141 15.97 17.51 16.61
CA GLY D 141 17.37 17.50 16.19
C GLY D 141 17.88 16.36 15.33
N ARG D 142 17.10 15.29 15.13
CA ARG D 142 17.56 14.11 14.37
C ARG D 142 16.76 13.84 13.09
I IOD E . 27.11 -15.18 -9.69
I IOD F . 3.30 -17.11 -8.57
I IOD G . 15.24 -16.13 -18.81
I IOD H . 19.45 5.37 -5.05
CL CL I . 11.35 -20.22 -13.18
I IOD J . -12.98 11.23 -23.88
I IOD K . 2.95 -17.21 -9.71
I IOD L . -5.32 -1.20 -4.92
I IOD M . -14.19 -16.28 -18.88
CL CL N . -11.93 11.33 -14.26
I IOD O . -13.92 11.76 -23.54
I IOD P . -14.04 -18.62 -12.94
I IOD Q . 5.55 -1.99 -31.51
I IOD R . 6.30 1.16 -29.19
I IOD S . -7.95 14.53 3.27
I IOD T . -18.63 -18.79 6.93
I IOD U . -10.22 13.49 -9.97
I IOD V . -23.24 -15.62 16.48
I IOD W . -11.00 0.72 19.63
CL CL X . -9.55 -18.00 4.08
C1 GOL Y . -4.93 -7.72 -0.85
O1 GOL Y . -6.17 -7.53 -1.49
C2 GOL Y . -5.22 -8.47 0.45
O2 GOL Y . -4.02 -8.77 1.12
C3 GOL Y . -6.22 -7.73 1.35
O3 GOL Y . -5.73 -6.47 1.77
I IOD Z . -18.75 -19.70 5.01
K K AA . 10.70 -12.51 13.67
I IOD BA . -6.37 15.78 2.89
I IOD CA . -4.25 39.05 11.52
I IOD DA . 12.52 28.52 11.99
I IOD EA . 2.74 18.05 -2.97
CL CL FA . -10.44 20.96 9.70
C1 GOL GA . -6.83 20.99 21.45
O1 GOL GA . -6.65 19.59 21.49
C2 GOL GA . -6.66 21.41 20.00
O2 GOL GA . -6.92 22.78 20.05
C3 GOL GA . -5.26 21.16 19.43
O3 GOL GA . -4.24 21.75 20.22
I IOD HA . 6.56 9.44 37.45
#